data_1X7F
#
_entry.id   1X7F
#
_cell.length_a   141.681
_cell.length_b   141.681
_cell.length_c   141.681
_cell.angle_alpha   90.00
_cell.angle_beta   90.00
_cell.angle_gamma   90.00
#
_symmetry.space_group_name_H-M   'P 43 3 2'
#
loop_
_entity.id
_entity.type
_entity.pdbx_description
1 polymer 'outer surface protein'
2 water water
#
_entity_poly.entity_id   1
_entity_poly.type   'polypeptide(L)'
_entity_poly.pdbx_seq_one_letter_code
;MHHHHHHSSGVDLGTENLYFQSNAMERKLGISLYPEHSTKEKDMAYISAAARHGFSRIFTCLLSVNRPKEEIVAEFKEII
NHAKDNNMEVILDVAPAVFDQLGISYSDLSFFAELGADGIRLDVGFDGLTEAKMTNNPYGLKIELNVSNDIAYLENILSH
QANKSALIGCHNFYPQKFTGLPYDYFIRCSERFKKHGIRSAAFITSHVANIGPWDINDGLCTLEEHRNLPIEVQAKHLWA
TGLIDDVIIGNAYASEEELEKLGNLNRYMLQLKVHFVDEATEVEKRATLQELHVRRGDITEYMVRSTEVRKKYKDYDFPV
RESVLQERGQVVIGNNSFGKYKGELQIILKEMPIDERKNIVGTIAEEELFLLDYVGAWTQFTCVE
;
_entity_poly.pdbx_strand_id   A
#
# COMPACT_ATOMS: atom_id res chain seq x y z
N MET A 25 7.80 -12.12 0.56
CA MET A 25 6.33 -12.40 0.65
C MET A 25 5.55 -11.67 -0.44
N GLU A 26 4.68 -12.43 -1.11
CA GLU A 26 3.81 -11.92 -2.17
C GLU A 26 2.90 -10.80 -1.66
N ARG A 27 2.65 -9.82 -2.53
CA ARG A 27 1.82 -8.64 -2.21
C ARG A 27 0.54 -8.66 -3.01
N LYS A 28 -0.59 -8.56 -2.32
CA LYS A 28 -1.89 -8.67 -2.97
C LYS A 28 -2.64 -7.37 -2.93
N LEU A 29 -3.52 -7.21 -3.92
CA LEU A 29 -4.56 -6.17 -3.87
C LEU A 29 -5.89 -6.81 -3.52
N GLY A 30 -6.67 -6.11 -2.69
CA GLY A 30 -7.98 -6.59 -2.28
C GLY A 30 -9.06 -5.56 -2.43
N ILE A 31 -10.32 -6.02 -2.39
CA ILE A 31 -11.53 -5.18 -2.42
C ILE A 31 -12.45 -5.61 -1.27
N SER A 32 -13.31 -4.69 -0.81
CA SER A 32 -14.30 -5.07 0.19
C SER A 32 -15.68 -5.17 -0.42
N LEU A 33 -16.51 -6.08 0.12
CA LEU A 33 -17.92 -6.19 -0.25
C LEU A 33 -18.83 -6.06 0.97
N TYR A 34 -20.04 -5.54 0.74
CA TYR A 34 -21.07 -5.42 1.77
C TYR A 34 -22.37 -5.79 1.09
N PRO A 35 -22.56 -7.09 0.83
CA PRO A 35 -23.65 -7.54 -0.02
C PRO A 35 -25.05 -7.06 0.42
N GLU A 36 -25.25 -6.89 1.72
N GLU A 36 -25.24 -6.89 1.72
CA GLU A 36 -26.57 -6.47 2.22
CA GLU A 36 -26.53 -6.46 2.26
C GLU A 36 -26.91 -5.04 1.83
C GLU A 36 -26.90 -5.04 1.85
N HIS A 37 -25.87 -4.24 1.55
CA HIS A 37 -26.06 -2.85 1.09
C HIS A 37 -26.08 -2.72 -0.43
N SER A 38 -26.20 -3.86 -1.12
CA SER A 38 -26.13 -3.89 -2.59
C SER A 38 -26.94 -5.06 -3.17
N THR A 39 -26.66 -5.41 -4.44
CA THR A 39 -27.23 -6.61 -5.06
C THR A 39 -26.10 -7.56 -5.46
N LYS A 40 -26.41 -8.84 -5.58
CA LYS A 40 -25.42 -9.85 -5.97
C LYS A 40 -24.85 -9.55 -7.36
N GLU A 41 -25.67 -8.99 -8.24
CA GLU A 41 -25.29 -8.63 -9.60
C GLU A 41 -24.13 -7.63 -9.62
N LYS A 42 -24.31 -6.49 -8.97
CA LYS A 42 -23.28 -5.45 -8.92
C LYS A 42 -22.05 -5.85 -8.12
N ASP A 43 -22.22 -6.79 -7.18
CA ASP A 43 -21.08 -7.31 -6.41
C ASP A 43 -20.25 -8.25 -7.28
N MET A 44 -20.95 -9.07 -8.06
CA MET A 44 -20.31 -10.03 -8.96
C MET A 44 -19.62 -9.30 -10.12
N ALA A 45 -20.28 -8.28 -10.66
CA ALA A 45 -19.68 -7.41 -11.67
C ALA A 45 -18.40 -6.73 -11.15
N TYR A 46 -18.41 -6.32 -9.89
CA TYR A 46 -17.27 -5.67 -9.23
C TYR A 46 -16.06 -6.60 -9.04
N ILE A 47 -16.34 -7.80 -8.55
CA ILE A 47 -15.36 -8.87 -8.45
C ILE A 47 -14.71 -9.10 -9.82
N SER A 48 -15.53 -9.17 -10.87
CA SER A 48 -15.04 -9.32 -12.23
C SER A 48 -14.12 -8.14 -12.64
N ALA A 49 -14.57 -6.92 -12.36
CA ALA A 49 -13.83 -5.69 -12.61
C ALA A 49 -12.49 -5.66 -11.89
N ALA A 50 -12.48 -5.96 -10.60
CA ALA A 50 -11.24 -5.98 -9.81
C ALA A 50 -10.25 -7.05 -10.26
N ALA A 51 -10.79 -8.18 -10.74
CA ALA A 51 -10.01 -9.31 -11.25
C ALA A 51 -9.20 -8.98 -12.49
N ARG A 52 -9.74 -8.13 -13.36
N ARG A 52 -9.75 -8.11 -13.34
CA ARG A 52 -9.00 -7.75 -14.56
CA ARG A 52 -9.05 -7.72 -14.57
C ARG A 52 -8.02 -6.59 -14.30
C ARG A 52 -7.87 -6.78 -14.28
N HIS A 53 -7.76 -6.33 -13.02
CA HIS A 53 -6.66 -5.45 -12.59
C HIS A 53 -5.78 -6.07 -11.49
N GLY A 54 -5.76 -7.39 -11.41
CA GLY A 54 -4.87 -8.13 -10.49
C GLY A 54 -5.23 -8.16 -9.01
N PHE A 55 -6.48 -7.86 -8.68
CA PHE A 55 -6.94 -8.05 -7.31
C PHE A 55 -7.18 -9.55 -7.10
N SER A 56 -6.77 -10.07 -5.95
CA SER A 56 -6.89 -11.50 -5.68
C SER A 56 -7.35 -11.79 -4.24
N ARG A 57 -7.84 -10.77 -3.55
CA ARG A 57 -8.27 -10.89 -2.17
C ARG A 57 -9.56 -10.11 -1.96
N ILE A 58 -10.49 -10.70 -1.20
CA ILE A 58 -11.75 -10.03 -0.84
C ILE A 58 -11.94 -9.99 0.69
N PHE A 59 -12.32 -8.82 1.19
CA PHE A 59 -12.83 -8.68 2.55
C PHE A 59 -14.35 -8.55 2.50
N THR A 60 -15.05 -9.46 3.17
CA THR A 60 -16.51 -9.37 3.13
C THR A 60 -17.12 -9.36 4.52
N CYS A 61 -18.22 -8.63 4.63
CA CYS A 61 -18.80 -8.25 5.90
C CYS A 61 -20.26 -8.68 6.01
N LEU A 62 -20.54 -9.52 6.99
CA LEU A 62 -21.91 -9.95 7.27
C LEU A 62 -22.39 -9.25 8.54
N LEU A 63 -23.21 -8.21 8.35
CA LEU A 63 -23.65 -7.36 9.44
C LEU A 63 -24.95 -7.83 10.08
N SER A 64 -25.89 -8.29 9.26
CA SER A 64 -27.22 -8.66 9.74
C SER A 64 -27.71 -9.96 9.12
N VAL A 73 -27.54 -16.89 2.82
CA VAL A 73 -26.66 -18.05 2.69
C VAL A 73 -26.33 -18.31 1.22
N ALA A 74 -27.36 -18.67 0.45
CA ALA A 74 -27.19 -19.04 -0.97
C ALA A 74 -26.60 -17.92 -1.85
N GLU A 75 -26.94 -16.67 -1.52
CA GLU A 75 -26.44 -15.51 -2.28
C GLU A 75 -25.02 -15.15 -1.90
N PHE A 76 -24.70 -15.22 -0.61
CA PHE A 76 -23.30 -15.16 -0.14
C PHE A 76 -22.52 -16.30 -0.79
N LYS A 77 -23.16 -17.45 -0.95
CA LYS A 77 -22.57 -18.62 -1.60
C LYS A 77 -22.30 -18.41 -3.10
N GLU A 78 -23.24 -17.71 -3.76
CA GLU A 78 -23.09 -17.39 -5.18
C GLU A 78 -21.95 -16.37 -5.37
N ILE A 79 -22.02 -15.27 -4.64
CA ILE A 79 -20.99 -14.24 -4.67
C ILE A 79 -19.61 -14.84 -4.41
N ILE A 80 -19.48 -15.64 -3.35
CA ILE A 80 -18.20 -16.26 -2.97
C ILE A 80 -17.69 -17.25 -4.03
N ASN A 81 -18.61 -17.97 -4.66
CA ASN A 81 -18.27 -18.90 -5.73
C ASN A 81 -17.73 -18.14 -6.95
N HIS A 82 -18.37 -17.01 -7.26
CA HIS A 82 -17.91 -16.16 -8.34
C HIS A 82 -16.51 -15.64 -8.01
N ALA A 83 -16.29 -15.28 -6.74
CA ALA A 83 -14.97 -14.88 -6.24
C ALA A 83 -13.92 -15.98 -6.40
N LYS A 84 -14.26 -17.21 -6.02
CA LYS A 84 -13.35 -18.34 -6.13
C LYS A 84 -13.04 -18.76 -7.59
N ASP A 85 -13.99 -18.53 -8.49
CA ASP A 85 -13.79 -18.76 -9.92
C ASP A 85 -12.81 -17.73 -10.50
N ASN A 86 -12.73 -16.57 -9.84
CA ASN A 86 -11.81 -15.52 -10.23
C ASN A 86 -10.58 -15.47 -9.33
N ASN A 87 -10.24 -16.63 -8.76
CA ASN A 87 -9.03 -16.83 -7.95
C ASN A 87 -8.81 -15.79 -6.83
N MET A 88 -9.89 -15.46 -6.12
CA MET A 88 -9.84 -14.45 -5.07
C MET A 88 -9.99 -15.07 -3.70
N GLU A 89 -9.06 -14.74 -2.80
CA GLU A 89 -9.07 -15.23 -1.43
C GLU A 89 -10.15 -14.48 -0.64
N VAL A 90 -11.08 -15.21 -0.03
CA VAL A 90 -12.22 -14.59 0.66
C VAL A 90 -12.08 -14.65 2.19
N ILE A 91 -11.99 -13.48 2.82
CA ILE A 91 -11.99 -13.38 4.28
C ILE A 91 -13.33 -12.81 4.77
N LEU A 92 -14.04 -13.60 5.58
CA LEU A 92 -15.33 -13.21 6.17
C LEU A 92 -15.21 -12.57 7.54
N ASP A 93 -15.81 -11.40 7.69
CA ASP A 93 -16.05 -10.81 9.00
C ASP A 93 -17.53 -10.89 9.34
N VAL A 94 -17.85 -11.76 10.30
CA VAL A 94 -19.25 -11.97 10.70
C VAL A 94 -19.45 -11.40 12.12
N ALA A 95 -20.53 -10.63 12.29
CA ALA A 95 -20.90 -10.07 13.59
C ALA A 95 -21.22 -11.19 14.60
N PRO A 96 -20.50 -11.21 15.73
CA PRO A 96 -20.71 -12.21 16.79
C PRO A 96 -22.12 -12.26 17.38
N ALA A 97 -22.98 -11.31 17.00
CA ALA A 97 -24.37 -11.29 17.46
C ALA A 97 -25.29 -12.16 16.60
N VAL A 98 -24.97 -12.26 15.30
CA VAL A 98 -25.85 -12.93 14.33
C VAL A 98 -25.66 -14.46 14.23
N PHE A 99 -25.71 -15.13 15.38
CA PHE A 99 -25.76 -16.60 15.45
C PHE A 99 -26.99 -17.01 16.24
N TYR A 106 -20.28 -22.05 17.72
CA TYR A 106 -19.07 -21.57 18.38
C TYR A 106 -17.83 -21.83 17.53
N SER A 107 -17.00 -22.79 17.95
CA SER A 107 -15.86 -23.24 17.15
C SER A 107 -16.20 -24.54 16.41
N ASP A 108 -17.32 -24.48 15.69
CA ASP A 108 -17.60 -25.32 14.53
C ASP A 108 -17.62 -24.35 13.36
N LEU A 109 -16.43 -24.05 12.83
CA LEU A 109 -16.29 -23.08 11.75
C LEU A 109 -16.74 -23.62 10.39
N SER A 110 -17.57 -24.67 10.43
CA SER A 110 -18.08 -25.36 9.24
C SER A 110 -18.98 -24.47 8.38
N PHE A 111 -19.81 -23.65 9.02
CA PHE A 111 -20.68 -22.71 8.31
C PHE A 111 -19.89 -21.76 7.37
N PHE A 112 -18.71 -21.32 7.82
CA PHE A 112 -17.85 -20.47 6.99
C PHE A 112 -17.22 -21.26 5.84
N ALA A 113 -16.92 -22.54 6.11
CA ALA A 113 -16.41 -23.45 5.08
C ALA A 113 -17.45 -23.70 3.98
N GLU A 114 -18.70 -23.95 4.39
CA GLU A 114 -19.80 -24.22 3.47
C GLU A 114 -20.08 -23.05 2.51
N LEU A 115 -19.87 -21.82 2.99
CA LEU A 115 -19.98 -20.64 2.14
C LEU A 115 -18.91 -20.60 1.06
N GLY A 116 -17.72 -21.08 1.41
CA GLY A 116 -16.57 -21.09 0.49
C GLY A 116 -15.54 -20.03 0.86
N ALA A 117 -15.67 -19.51 2.07
CA ALA A 117 -14.73 -18.54 2.63
C ALA A 117 -13.39 -19.23 2.88
N ASP A 118 -12.32 -18.46 2.77
CA ASP A 118 -10.96 -18.96 2.92
C ASP A 118 -10.45 -18.72 4.33
N GLY A 119 -11.12 -17.82 5.04
CA GLY A 119 -10.75 -17.46 6.40
C GLY A 119 -11.78 -16.57 7.07
N ILE A 120 -11.59 -16.34 8.36
CA ILE A 120 -12.46 -15.48 9.16
C ILE A 120 -11.63 -14.48 9.94
N ARG A 121 -12.18 -13.28 10.10
CA ARG A 121 -11.53 -12.25 10.92
C ARG A 121 -12.02 -12.32 12.36
N LEU A 122 -11.06 -12.18 13.28
CA LEU A 122 -11.36 -11.99 14.69
C LEU A 122 -11.09 -10.52 15.00
N ASP A 123 -12.12 -9.71 14.78
CA ASP A 123 -12.10 -8.27 15.00
C ASP A 123 -11.75 -7.94 16.46
N VAL A 124 -12.37 -8.67 17.37
CA VAL A 124 -12.05 -8.61 18.79
C VAL A 124 -11.47 -9.98 19.19
N GLY A 125 -10.49 -9.95 20.08
CA GLY A 125 -9.81 -11.16 20.53
C GLY A 125 -10.42 -11.82 21.75
N PHE A 126 -9.79 -12.91 22.18
CA PHE A 126 -10.21 -13.66 23.36
C PHE A 126 -9.01 -13.77 24.30
N ASP A 127 -8.84 -14.92 24.94
CA ASP A 127 -7.77 -15.14 25.91
C ASP A 127 -6.47 -15.64 25.26
N GLY A 128 -6.44 -15.69 23.94
CA GLY A 128 -5.29 -16.22 23.20
C GLY A 128 -5.38 -17.71 22.98
N LEU A 129 -5.90 -18.43 23.97
CA LEU A 129 -6.09 -19.88 23.88
C LEU A 129 -7.14 -20.25 22.83
N THR A 130 -8.24 -19.50 22.80
CA THR A 130 -9.33 -19.74 21.85
C THR A 130 -8.84 -19.61 20.41
N GLU A 131 -8.08 -18.53 20.15
CA GLU A 131 -7.44 -18.28 18.85
C GLU A 131 -6.56 -19.47 18.44
N ALA A 132 -5.70 -19.90 19.36
CA ALA A 132 -4.81 -21.05 19.16
C ALA A 132 -5.54 -22.30 18.67
N LYS A 133 -6.66 -22.64 19.34
CA LYS A 133 -7.45 -23.83 18.99
C LYS A 133 -8.15 -23.70 17.64
N MET A 134 -8.47 -22.46 17.26
CA MET A 134 -9.13 -22.20 15.99
C MET A 134 -8.22 -22.42 14.78
N THR A 135 -6.91 -22.24 14.98
CA THR A 135 -5.92 -22.45 13.92
C THR A 135 -5.78 -23.93 13.55
N ASN A 136 -6.30 -24.80 14.43
CA ASN A 136 -6.31 -26.25 14.19
C ASN A 136 -7.64 -26.74 13.60
N ASN A 137 -8.43 -25.83 13.02
CA ASN A 137 -9.71 -26.21 12.41
C ASN A 137 -9.54 -27.16 11.21
N PRO A 138 -10.42 -28.15 11.08
CA PRO A 138 -10.28 -29.16 10.02
C PRO A 138 -10.74 -28.73 8.63
N TYR A 139 -11.09 -27.44 8.45
CA TYR A 139 -11.65 -26.98 7.19
C TYR A 139 -10.64 -26.18 6.37
N GLY A 140 -9.42 -26.08 6.88
CA GLY A 140 -8.33 -25.34 6.22
C GLY A 140 -8.58 -23.85 6.18
N LEU A 141 -9.27 -23.34 7.19
CA LEU A 141 -9.62 -21.92 7.25
C LEU A 141 -8.51 -21.09 7.88
N LYS A 142 -8.24 -19.93 7.30
CA LYS A 142 -7.29 -18.97 7.85
C LYS A 142 -7.95 -18.22 9.01
N ILE A 143 -7.18 -17.97 10.07
CA ILE A 143 -7.67 -17.14 11.17
C ILE A 143 -7.01 -15.77 11.07
N GLU A 144 -7.79 -14.77 10.65
CA GLU A 144 -7.30 -13.40 10.56
C GLU A 144 -7.42 -12.65 11.88
N LEU A 145 -6.30 -12.13 12.36
CA LEU A 145 -6.26 -11.38 13.61
C LEU A 145 -6.24 -9.88 13.33
N ASN A 146 -6.67 -9.10 14.31
CA ASN A 146 -6.63 -7.66 14.26
C ASN A 146 -5.21 -7.19 14.55
N VAL A 147 -4.57 -6.55 13.57
CA VAL A 147 -3.22 -6.00 13.75
C VAL A 147 -3.24 -4.72 14.60
N SER A 148 -4.37 -4.01 14.59
CA SER A 148 -4.48 -2.67 15.14
C SER A 148 -4.41 -2.50 16.66
N ASN A 149 -4.18 -3.60 17.38
N ASN A 149 -4.19 -3.59 17.39
CA ASN A 149 -4.02 -3.54 18.84
CA ASN A 149 -4.02 -3.55 18.83
C ASN A 149 -2.55 -3.81 19.17
C ASN A 149 -2.56 -3.82 19.20
N ASP A 150 -1.89 -2.78 19.73
CA ASP A 150 -0.44 -2.83 19.98
C ASP A 150 -0.11 -3.49 21.32
N ILE A 151 -0.41 -4.78 21.41
CA ILE A 151 -0.14 -5.57 22.59
C ILE A 151 0.51 -6.90 22.18
N ALA A 152 1.12 -7.59 23.15
CA ALA A 152 1.73 -8.90 22.94
C ALA A 152 0.65 -9.98 22.78
N TYR A 153 -0.13 -9.83 21.72
CA TYR A 153 -1.29 -10.68 21.41
C TYR A 153 -0.81 -12.00 20.81
N LEU A 154 0.05 -11.90 19.80
CA LEU A 154 0.68 -13.07 19.17
C LEU A 154 1.48 -13.94 20.14
N GLU A 155 2.29 -13.29 20.98
N GLU A 155 2.30 -13.31 20.99
CA GLU A 155 3.12 -13.96 21.99
CA GLU A 155 3.12 -14.05 21.96
C GLU A 155 2.27 -14.84 22.89
C GLU A 155 2.24 -14.89 22.88
N ASN A 156 1.04 -14.39 23.15
CA ASN A 156 0.06 -15.09 23.96
C ASN A 156 -0.49 -16.31 23.21
N ILE A 157 -1.01 -16.06 21.99
CA ILE A 157 -1.58 -17.09 21.11
C ILE A 157 -0.58 -18.23 20.82
N LEU A 158 0.66 -17.85 20.49
CA LEU A 158 1.69 -18.83 20.13
C LEU A 158 2.30 -19.58 21.32
N SER A 159 2.07 -19.08 22.53
CA SER A 159 2.51 -19.76 23.76
C SER A 159 1.66 -21.00 24.04
N HIS A 160 0.47 -21.04 23.41
CA HIS A 160 -0.35 -22.25 23.39
C HIS A 160 0.02 -23.05 22.14
N GLN A 161 -0.40 -24.32 22.08
CA GLN A 161 -0.16 -25.12 20.89
C GLN A 161 -0.98 -24.62 19.70
N ALA A 162 -0.35 -23.78 18.89
CA ALA A 162 -1.03 -23.10 17.80
C ALA A 162 -0.31 -23.29 16.46
N ASN A 163 -1.10 -23.50 15.41
CA ASN A 163 -0.58 -23.54 14.05
C ASN A 163 -0.41 -22.11 13.53
N LYS A 164 0.82 -21.57 13.68
CA LYS A 164 1.18 -20.23 13.21
C LYS A 164 0.85 -20.02 11.73
N SER A 165 0.95 -21.11 10.96
CA SER A 165 0.73 -21.13 9.52
C SER A 165 -0.72 -20.87 9.06
N ALA A 166 -1.67 -21.01 10.00
CA ALA A 166 -3.07 -20.69 9.72
C ALA A 166 -3.42 -19.22 9.98
N LEU A 167 -2.55 -18.51 10.71
CA LEU A 167 -2.76 -17.11 11.04
C LEU A 167 -2.39 -16.12 9.92
N ILE A 168 -3.25 -15.11 9.74
CA ILE A 168 -2.94 -13.89 9.00
C ILE A 168 -3.40 -12.70 9.86
N GLY A 169 -3.09 -11.49 9.41
CA GLY A 169 -3.46 -10.30 10.14
C GLY A 169 -3.97 -9.19 9.23
N CYS A 170 -4.99 -8.49 9.70
CA CYS A 170 -5.44 -7.29 9.01
C CYS A 170 -5.81 -6.20 9.99
N HIS A 171 -5.37 -4.99 9.69
CA HIS A 171 -5.72 -3.81 10.46
C HIS A 171 -7.21 -3.50 10.37
N ASN A 172 -7.71 -2.68 11.30
CA ASN A 172 -9.05 -2.10 11.21
C ASN A 172 -9.05 -0.98 10.18
N PHE A 173 -10.25 -0.59 9.73
CA PHE A 173 -10.38 0.68 9.04
C PHE A 173 -11.22 1.57 9.94
N TYR A 174 -11.29 2.86 9.60
CA TYR A 174 -11.89 3.86 10.51
C TYR A 174 -12.84 4.80 9.77
N PRO A 175 -14.14 4.53 9.88
CA PRO A 175 -15.20 5.29 9.19
C PRO A 175 -15.36 6.72 9.69
N GLN A 176 -15.02 6.97 10.95
CA GLN A 176 -15.11 8.32 11.52
C GLN A 176 -13.83 9.11 11.23
N LYS A 177 -13.97 10.27 10.60
CA LYS A 177 -12.79 11.12 10.33
C LYS A 177 -11.99 11.42 11.61
N PHE A 178 -10.66 11.43 11.46
CA PHE A 178 -9.72 11.72 12.53
C PHE A 178 -9.56 10.61 13.58
N THR A 179 -10.23 9.46 13.37
CA THR A 179 -10.07 8.33 14.29
C THR A 179 -9.17 7.24 13.76
N GLY A 180 -8.64 7.42 12.55
CA GLY A 180 -7.68 6.50 11.98
C GLY A 180 -6.39 6.47 12.79
N LEU A 181 -5.55 5.46 12.53
CA LEU A 181 -4.32 5.25 13.31
C LEU A 181 -3.26 6.32 12.99
N PRO A 182 -2.49 6.74 14.01
CA PRO A 182 -1.32 7.58 13.77
C PRO A 182 -0.17 6.73 13.26
N TYR A 183 0.76 7.39 12.59
CA TYR A 183 1.83 6.69 11.92
C TYR A 183 2.70 5.80 12.84
N ASP A 184 3.27 6.37 13.89
CA ASP A 184 4.17 5.59 14.73
C ASP A 184 3.47 4.38 15.39
N TYR A 185 2.23 4.57 15.83
CA TYR A 185 1.45 3.48 16.41
C TYR A 185 1.22 2.36 15.38
N PHE A 186 0.82 2.76 14.17
CA PHE A 186 0.57 1.85 13.05
C PHE A 186 1.78 0.96 12.72
N ILE A 187 2.97 1.57 12.78
CA ILE A 187 4.23 0.86 12.55
C ILE A 187 4.53 -0.15 13.66
N ARG A 188 4.44 0.27 14.93
CA ARG A 188 4.62 -0.65 16.06
C ARG A 188 3.73 -1.90 15.90
N CYS A 189 2.45 -1.67 15.62
CA CYS A 189 1.47 -2.74 15.40
C CYS A 189 1.89 -3.68 14.28
N SER A 190 2.21 -3.11 13.12
CA SER A 190 2.61 -3.87 11.95
C SER A 190 3.94 -4.64 12.14
N GLU A 191 4.87 -4.06 12.91
N GLU A 191 4.86 -4.04 12.91
CA GLU A 191 6.16 -4.70 13.22
CA GLU A 191 6.15 -4.67 13.22
C GLU A 191 6.04 -5.92 14.13
C GLU A 191 5.99 -5.95 14.06
N ARG A 192 4.97 -5.99 14.92
CA ARG A 192 4.69 -7.18 15.74
C ARG A 192 4.42 -8.39 14.86
N PHE A 193 3.63 -8.18 13.81
CA PHE A 193 3.21 -9.23 12.90
C PHE A 193 4.32 -9.63 11.95
N LYS A 194 5.14 -8.65 11.58
CA LYS A 194 6.32 -8.87 10.74
C LYS A 194 7.41 -9.64 11.50
N LYS A 195 7.62 -9.28 12.76
CA LYS A 195 8.57 -9.99 13.62
C LYS A 195 8.32 -11.50 13.63
N HIS A 196 7.05 -11.89 13.59
CA HIS A 196 6.65 -13.30 13.65
C HIS A 196 6.35 -13.89 12.27
N GLY A 197 6.70 -13.17 11.21
CA GLY A 197 6.52 -13.63 9.84
C GLY A 197 5.08 -13.88 9.40
N ILE A 198 4.13 -13.18 10.01
CA ILE A 198 2.72 -13.36 9.68
C ILE A 198 2.24 -12.29 8.68
N ARG A 199 1.56 -12.77 7.64
CA ARG A 199 1.00 -11.97 6.57
C ARG A 199 0.16 -10.82 7.11
N SER A 200 0.45 -9.61 6.66
N SER A 200 0.45 -9.60 6.65
CA SER A 200 -0.27 -8.43 7.12
CA SER A 200 -0.24 -8.39 7.13
C SER A 200 -1.04 -7.77 5.99
C SER A 200 -0.92 -7.59 6.03
N ALA A 201 -2.07 -7.00 6.37
CA ALA A 201 -2.85 -6.24 5.43
C ALA A 201 -3.40 -4.98 6.13
N ALA A 202 -3.64 -3.93 5.34
CA ALA A 202 -4.31 -2.73 5.82
C ALA A 202 -5.26 -2.23 4.73
N PHE A 203 -6.09 -1.26 5.11
CA PHE A 203 -7.14 -0.73 4.26
C PHE A 203 -6.84 0.66 3.73
N ILE A 204 -7.19 0.87 2.46
CA ILE A 204 -7.17 2.18 1.85
C ILE A 204 -8.59 2.56 1.41
N THR A 205 -8.80 3.83 1.14
CA THR A 205 -10.12 4.31 0.82
C THR A 205 -10.25 4.87 -0.59
N SER A 206 -11.32 4.48 -1.25
CA SER A 206 -11.72 5.02 -2.53
C SER A 206 -12.43 6.36 -2.34
N HIS A 207 -12.28 7.24 -3.33
CA HIS A 207 -12.94 8.55 -3.32
C HIS A 207 -14.20 8.57 -4.19
N VAL A 208 -14.53 7.42 -4.76
CA VAL A 208 -15.73 7.25 -5.55
C VAL A 208 -16.75 6.39 -4.78
N ALA A 209 -16.26 5.30 -4.18
CA ALA A 209 -17.06 4.35 -3.41
C ALA A 209 -18.01 5.01 -2.41
N ASN A 210 -19.25 4.52 -2.36
CA ASN A 210 -20.31 5.05 -1.49
C ASN A 210 -20.79 4.13 -0.38
N ILE A 211 -20.30 2.89 -0.37
CA ILE A 211 -20.79 1.87 0.55
C ILE A 211 -19.75 1.50 1.61
N GLY A 212 -20.19 1.48 2.87
CA GLY A 212 -19.43 0.93 3.98
C GLY A 212 -20.41 0.13 4.84
N PRO A 213 -19.94 -0.42 5.96
CA PRO A 213 -20.81 -1.18 6.86
C PRO A 213 -21.91 -0.38 7.56
N TRP A 214 -21.63 0.86 7.99
CA TRP A 214 -22.58 1.63 8.83
C TRP A 214 -23.08 2.91 8.15
N ASP A 215 -23.90 3.67 8.87
CA ASP A 215 -24.42 4.96 8.38
C ASP A 215 -23.32 6.02 8.18
N ILE A 216 -22.43 6.16 9.16
CA ILE A 216 -21.29 7.09 9.04
C ILE A 216 -20.16 6.50 8.23
N ASN A 217 -19.79 7.20 7.16
CA ASN A 217 -18.70 6.76 6.31
C ASN A 217 -17.89 7.98 5.84
N ASP A 218 -16.81 8.30 6.54
CA ASP A 218 -15.92 9.40 6.16
C ASP A 218 -14.73 8.86 5.37
N GLY A 219 -14.92 7.71 4.75
CA GLY A 219 -13.84 6.97 4.12
C GLY A 219 -13.37 5.84 5.01
N LEU A 220 -12.86 4.78 4.40
CA LEU A 220 -12.55 3.54 5.10
C LEU A 220 -11.08 3.14 4.91
N CYS A 221 -10.19 3.79 5.64
CA CYS A 221 -8.77 3.47 5.58
C CYS A 221 -8.27 3.21 6.99
N THR A 222 -7.07 2.63 7.09
CA THR A 222 -6.44 2.32 8.36
C THR A 222 -5.69 3.53 8.95
N LEU A 223 -4.78 4.10 8.17
CA LEU A 223 -4.02 5.29 8.60
C LEU A 223 -4.90 6.52 8.43
N GLU A 224 -4.94 7.36 9.46
CA GLU A 224 -5.71 8.60 9.35
C GLU A 224 -5.20 9.47 8.21
N GLU A 225 -3.88 9.50 8.02
CA GLU A 225 -3.24 10.40 7.04
C GLU A 225 -3.61 10.07 5.60
N HIS A 226 -4.18 8.89 5.39
CA HIS A 226 -4.57 8.42 4.07
C HIS A 226 -5.98 8.85 3.66
N ARG A 227 -6.77 9.36 4.61
CA ARG A 227 -8.20 9.65 4.38
C ARG A 227 -8.49 10.51 3.15
N ASN A 228 -7.60 11.47 2.89
CA ASN A 228 -7.79 12.39 1.77
C ASN A 228 -6.63 12.38 0.77
N LEU A 229 -5.94 11.24 0.65
CA LEU A 229 -4.84 11.06 -0.31
C LEU A 229 -5.36 10.27 -1.50
N PRO A 230 -4.77 10.48 -2.71
CA PRO A 230 -5.12 9.66 -3.86
C PRO A 230 -4.95 8.19 -3.57
N ILE A 231 -5.85 7.37 -4.12
CA ILE A 231 -5.99 5.98 -3.73
C ILE A 231 -4.67 5.23 -3.98
N GLU A 232 -4.01 5.53 -5.10
CA GLU A 232 -2.77 4.86 -5.47
C GLU A 232 -1.59 5.29 -4.60
N VAL A 233 -1.68 6.50 -4.06
CA VAL A 233 -0.65 7.01 -3.13
C VAL A 233 -0.72 6.31 -1.78
N GLN A 234 -1.93 6.13 -1.26
CA GLN A 234 -2.16 5.27 -0.11
C GLN A 234 -1.54 3.88 -0.22
N ALA A 235 -1.74 3.22 -1.37
CA ALA A 235 -1.18 1.88 -1.62
C ALA A 235 0.34 1.90 -1.69
N LYS A 236 0.88 2.86 -2.43
CA LYS A 236 2.32 3.09 -2.50
C LYS A 236 2.88 3.21 -1.08
N HIS A 237 2.23 4.03 -0.26
CA HIS A 237 2.73 4.24 1.08
C HIS A 237 2.77 2.95 1.91
N LEU A 238 1.65 2.24 1.99
CA LEU A 238 1.57 0.96 2.72
C LEU A 238 2.67 -0.05 2.33
N TRP A 239 2.89 -0.23 1.04
CA TRP A 239 3.92 -1.12 0.55
C TRP A 239 5.33 -0.59 0.80
N ALA A 240 5.51 0.73 0.74
CA ALA A 240 6.84 1.33 1.01
C ALA A 240 7.31 1.19 2.47
N THR A 241 6.39 1.01 3.42
CA THR A 241 6.78 0.80 4.83
C THR A 241 7.59 -0.50 4.97
N GLY A 242 7.42 -1.43 4.03
CA GLY A 242 7.95 -2.78 4.15
C GLY A 242 7.23 -3.67 5.16
N LEU A 243 6.11 -3.17 5.72
CA LEU A 243 5.45 -3.89 6.81
C LEU A 243 4.06 -4.41 6.46
N ILE A 244 3.62 -4.13 5.24
CA ILE A 244 2.27 -4.49 4.80
C ILE A 244 2.41 -5.27 3.52
N ASP A 245 1.77 -6.45 3.49
CA ASP A 245 1.76 -7.29 2.30
C ASP A 245 0.58 -7.00 1.39
N ASP A 246 -0.63 -6.97 1.97
CA ASP A 246 -1.85 -6.84 1.18
C ASP A 246 -2.53 -5.49 1.36
N VAL A 247 -2.96 -4.89 0.25
CA VAL A 247 -3.63 -3.60 0.30
C VAL A 247 -5.08 -3.79 -0.14
N ILE A 248 -6.01 -3.47 0.76
CA ILE A 248 -7.45 -3.71 0.53
C ILE A 248 -8.20 -2.39 0.50
N ILE A 249 -9.01 -2.16 -0.55
CA ILE A 249 -9.96 -1.03 -0.54
C ILE A 249 -11.10 -1.35 0.42
N GLY A 250 -11.29 -0.48 1.42
CA GLY A 250 -12.23 -0.69 2.51
C GLY A 250 -13.67 -0.38 2.18
N ASN A 251 -13.90 0.60 1.31
CA ASN A 251 -15.25 0.91 0.83
C ASN A 251 -15.54 0.35 -0.58
N ALA A 252 -16.81 0.29 -0.97
CA ALA A 252 -17.23 -0.22 -2.29
C ALA A 252 -18.19 0.78 -2.95
N TYR A 253 -18.21 0.91 -4.28
CA TYR A 253 -17.33 0.24 -5.22
C TYR A 253 -16.31 1.24 -5.68
N ALA A 254 -15.04 0.85 -5.71
CA ALA A 254 -14.01 1.68 -6.32
C ALA A 254 -14.35 1.77 -7.81
N SER A 255 -14.04 2.91 -8.43
CA SER A 255 -14.25 3.07 -9.86
C SER A 255 -13.31 2.20 -10.70
N GLU A 256 -13.70 1.96 -11.94
CA GLU A 256 -12.83 1.31 -12.91
C GLU A 256 -11.43 1.97 -12.94
N GLU A 257 -11.42 3.31 -13.01
N GLU A 257 -11.42 3.30 -12.98
CA GLU A 257 -10.18 4.09 -13.04
CA GLU A 257 -10.18 4.08 -13.04
C GLU A 257 -9.31 3.84 -11.79
C GLU A 257 -9.31 3.90 -11.78
N GLU A 258 -9.94 3.79 -10.61
CA GLU A 258 -9.21 3.53 -9.35
C GLU A 258 -8.63 2.11 -9.29
N LEU A 259 -9.42 1.11 -9.70
CA LEU A 259 -8.94 -0.26 -9.82
C LEU A 259 -7.75 -0.35 -10.77
N GLU A 260 -7.82 0.38 -11.89
CA GLU A 260 -6.77 0.35 -12.90
C GLU A 260 -5.48 0.95 -12.38
N LYS A 261 -5.59 2.14 -11.79
CA LYS A 261 -4.47 2.82 -11.13
C LYS A 261 -3.73 1.93 -10.14
N LEU A 262 -4.51 1.22 -9.33
CA LEU A 262 -3.94 0.32 -8.33
C LEU A 262 -3.26 -0.89 -8.97
N GLY A 263 -3.91 -1.45 -9.99
CA GLY A 263 -3.39 -2.59 -10.72
C GLY A 263 -2.13 -2.27 -11.53
N ASN A 264 -2.01 -1.01 -11.93
CA ASN A 264 -0.86 -0.56 -12.70
C ASN A 264 0.42 -0.42 -11.89
N LEU A 265 0.29 -0.33 -10.57
CA LEU A 265 1.44 -0.09 -9.70
C LEU A 265 2.43 -1.25 -9.67
N ASN A 266 3.72 -0.93 -9.56
CA ASN A 266 4.73 -1.89 -9.16
C ASN A 266 4.64 -2.05 -7.64
N ARG A 267 4.40 -3.27 -7.19
CA ARG A 267 4.08 -3.51 -5.79
C ARG A 267 5.33 -3.67 -4.94
N TYR A 268 6.42 -3.98 -5.64
N TYR A 268 6.44 -4.04 -5.55
CA TYR A 268 7.70 -4.41 -5.08
CA TYR A 268 7.64 -4.23 -4.73
C TYR A 268 8.83 -3.40 -5.30
C TYR A 268 8.56 -3.02 -4.75
N MET A 269 8.47 -2.21 -5.81
CA MET A 269 9.36 -1.06 -5.89
C MET A 269 8.69 0.31 -5.90
N LEU A 270 9.30 1.25 -5.19
CA LEU A 270 8.83 2.62 -5.13
C LEU A 270 8.91 3.35 -6.47
N GLN A 271 7.78 3.93 -6.88
CA GLN A 271 7.67 4.69 -8.12
C GLN A 271 7.18 6.10 -7.78
N LEU A 272 8.00 7.10 -8.09
CA LEU A 272 7.69 8.47 -7.73
C LEU A 272 7.20 9.19 -8.97
N LYS A 273 5.97 9.69 -8.91
CA LYS A 273 5.42 10.49 -10.01
C LYS A 273 6.19 11.82 -10.16
N VAL A 274 6.75 12.03 -11.35
CA VAL A 274 7.50 13.23 -11.69
C VAL A 274 6.75 14.04 -12.77
N HIS A 275 6.77 15.36 -12.61
CA HIS A 275 6.31 16.30 -13.62
C HIS A 275 7.52 17.09 -14.11
N PHE A 276 7.78 17.04 -15.40
CA PHE A 276 8.88 17.78 -16.00
C PHE A 276 8.62 19.25 -16.20
N VAL A 277 9.66 20.08 -16.05
CA VAL A 277 9.59 21.48 -16.47
C VAL A 277 9.64 21.55 -18.00
N ASP A 278 9.10 22.62 -18.58
CA ASP A 278 9.11 22.83 -20.04
C ASP A 278 10.50 22.75 -20.67
N GLU A 279 11.51 23.17 -19.91
CA GLU A 279 12.88 23.26 -20.40
C GLU A 279 13.66 21.94 -20.39
N ALA A 280 13.08 20.88 -19.81
CA ALA A 280 13.75 19.58 -19.68
C ALA A 280 14.13 19.00 -21.04
N THR A 281 15.40 18.64 -21.21
CA THR A 281 15.85 18.09 -22.51
C THR A 281 15.54 16.59 -22.55
N GLU A 282 15.59 16.02 -23.75
CA GLU A 282 15.40 14.59 -23.95
C GLU A 282 16.35 13.73 -23.14
N VAL A 283 17.60 14.15 -23.02
CA VAL A 283 18.59 13.39 -22.29
C VAL A 283 18.30 13.46 -20.77
N GLU A 284 17.84 14.61 -20.30
CA GLU A 284 17.45 14.79 -18.90
C GLU A 284 16.27 13.89 -18.55
N LYS A 285 15.29 13.82 -19.46
CA LYS A 285 14.13 12.95 -19.28
C LYS A 285 14.49 11.46 -19.31
N ARG A 286 15.44 11.07 -20.18
CA ARG A 286 15.90 9.68 -20.25
C ARG A 286 16.64 9.29 -18.97
N ALA A 287 17.54 10.17 -18.50
CA ALA A 287 18.23 9.97 -17.22
C ALA A 287 17.24 9.78 -16.08
N THR A 288 16.14 10.51 -16.12
CA THR A 288 15.12 10.44 -15.09
C THR A 288 14.30 9.15 -15.16
N LEU A 289 13.81 8.82 -16.36
CA LEU A 289 12.77 7.79 -16.56
C LEU A 289 13.29 6.40 -16.88
N GLN A 290 14.44 6.34 -17.54
CA GLN A 290 14.93 5.08 -18.08
C GLN A 290 15.82 4.35 -17.08
N GLU A 291 16.16 5.01 -16.00
CA GLU A 291 17.09 4.47 -15.02
C GLU A 291 16.39 3.93 -13.80
N LEU A 292 16.86 2.79 -13.33
CA LEU A 292 16.60 2.34 -11.97
C LEU A 292 17.58 3.06 -11.07
N HIS A 293 17.07 4.04 -10.31
CA HIS A 293 17.89 4.86 -9.43
C HIS A 293 18.17 4.15 -8.12
N VAL A 294 19.35 4.40 -7.57
CA VAL A 294 19.72 3.88 -6.26
C VAL A 294 20.23 5.08 -5.48
N ARG A 295 19.70 5.29 -4.27
CA ARG A 295 20.28 6.27 -3.35
C ARG A 295 21.60 5.71 -2.85
N ARG A 296 22.70 6.39 -3.15
CA ARG A 296 24.00 5.94 -2.65
C ARG A 296 23.97 5.89 -1.11
N GLY A 297 24.43 4.77 -0.58
CA GLY A 297 24.35 4.47 0.85
C GLY A 297 24.94 5.45 1.85
N ASP A 298 25.98 6.18 1.48
CA ASP A 298 26.49 7.26 2.33
C ASP A 298 25.69 8.54 2.08
N ILE A 299 24.56 8.64 2.79
CA ILE A 299 23.54 9.63 2.52
C ILE A 299 23.90 11.06 2.95
N THR A 300 23.17 12.01 2.37
CA THR A 300 23.12 13.37 2.87
C THR A 300 21.64 13.69 3.10
N GLU A 301 21.34 14.53 4.10
CA GLU A 301 19.95 14.86 4.42
C GLU A 301 19.36 15.89 3.46
N TYR A 302 20.19 16.46 2.59
CA TYR A 302 19.76 17.51 1.68
C TYR A 302 19.19 17.00 0.37
N MET A 303 19.58 15.80 -0.04
CA MET A 303 19.12 15.28 -1.33
C MET A 303 19.39 13.78 -1.48
N VAL A 304 18.60 13.16 -2.35
CA VAL A 304 18.84 11.80 -2.77
C VAL A 304 19.78 11.91 -3.96
N ARG A 305 20.95 11.28 -3.87
CA ARG A 305 21.95 11.29 -4.94
C ARG A 305 21.93 9.98 -5.70
N SER A 306 21.59 10.06 -6.99
CA SER A 306 21.63 8.90 -7.86
C SER A 306 22.94 8.96 -8.65
N THR A 307 24.00 8.37 -8.07
CA THR A 307 25.37 8.59 -8.54
C THR A 307 25.82 7.72 -9.69
N GLU A 308 25.24 6.52 -9.80
CA GLU A 308 25.51 5.64 -10.93
C GLU A 308 25.03 6.19 -12.28
N VAL A 309 24.05 7.08 -12.25
CA VAL A 309 23.52 7.73 -13.46
C VAL A 309 24.56 8.55 -14.21
N ARG A 310 25.45 9.23 -13.47
N ARG A 310 25.42 9.24 -13.47
CA ARG A 310 26.42 10.16 -14.09
CA ARG A 310 26.39 10.14 -14.08
C ARG A 310 27.59 9.49 -14.80
C ARG A 310 27.32 9.41 -15.04
N LYS A 311 27.69 8.17 -14.69
CA LYS A 311 28.62 7.39 -15.49
C LYS A 311 28.12 7.23 -16.93
N LYS A 312 26.81 7.04 -17.09
CA LYS A 312 26.20 6.87 -18.40
C LYS A 312 25.99 8.20 -19.12
N TYR A 313 25.93 9.29 -18.37
CA TYR A 313 25.51 10.57 -18.95
C TYR A 313 26.59 11.64 -18.97
N LYS A 314 27.81 11.29 -18.55
CA LYS A 314 28.88 12.27 -18.40
C LYS A 314 29.42 12.79 -19.73
N ASP A 315 29.19 12.02 -20.79
CA ASP A 315 29.58 12.39 -22.16
C ASP A 315 28.58 13.32 -22.82
N TYR A 316 27.43 13.51 -22.19
CA TYR A 316 26.30 14.19 -22.81
C TYR A 316 26.20 15.69 -22.47
N ASP A 317 25.40 16.40 -23.25
CA ASP A 317 25.34 17.85 -23.20
C ASP A 317 24.27 18.27 -22.23
N PHE A 318 24.68 18.97 -21.18
CA PHE A 318 23.76 19.51 -20.20
C PHE A 318 24.03 21.00 -20.09
N PRO A 319 23.56 21.77 -21.06
CA PRO A 319 23.85 23.20 -21.08
C PRO A 319 23.25 23.88 -19.85
N VAL A 320 23.97 24.86 -19.35
CA VAL A 320 23.52 25.70 -18.25
C VAL A 320 22.26 26.48 -18.69
N ARG A 321 21.22 26.48 -17.86
CA ARG A 321 20.09 27.40 -18.04
C ARG A 321 19.75 28.12 -16.74
N GLU A 322 18.51 28.55 -16.57
CA GLU A 322 18.18 29.35 -15.39
C GLU A 322 17.99 28.45 -14.18
N SER A 323 18.90 28.58 -13.22
CA SER A 323 18.84 27.85 -11.97
C SER A 323 17.96 28.57 -10.95
N VAL A 324 17.22 27.78 -10.19
CA VAL A 324 16.28 28.31 -9.20
C VAL A 324 16.62 27.72 -7.81
N LEU A 325 16.12 28.39 -6.79
CA LEU A 325 16.18 27.91 -5.41
C LEU A 325 15.87 26.42 -5.37
N GLN A 326 16.71 25.65 -4.69
CA GLN A 326 16.49 24.21 -4.61
C GLN A 326 15.53 23.93 -3.50
N GLU A 327 14.47 23.18 -3.80
CA GLU A 327 13.39 22.94 -2.86
C GLU A 327 13.00 21.48 -2.88
N ARG A 328 12.54 20.96 -1.74
CA ARG A 328 12.08 19.58 -1.58
C ARG A 328 11.19 19.12 -2.74
N GLY A 329 11.57 18.00 -3.38
CA GLY A 329 10.78 17.38 -4.42
C GLY A 329 11.29 17.65 -5.83
N GLN A 330 12.24 18.58 -5.95
CA GLN A 330 12.78 18.91 -7.27
C GLN A 330 13.69 17.80 -7.72
N VAL A 331 13.54 17.44 -9.00
CA VAL A 331 14.52 16.59 -9.66
C VAL A 331 15.49 17.52 -10.37
N VAL A 332 16.77 17.42 -10.02
CA VAL A 332 17.80 18.27 -10.59
C VAL A 332 18.92 17.38 -11.13
N ILE A 333 19.70 17.95 -12.04
N ILE A 333 19.71 17.92 -12.07
CA ILE A 333 20.84 17.27 -12.61
CA ILE A 333 20.83 17.20 -12.68
C ILE A 333 22.01 18.23 -12.67
C ILE A 333 22.02 18.13 -12.85
N GLY A 334 23.19 17.68 -12.40
CA GLY A 334 24.45 18.40 -12.59
C GLY A 334 24.64 18.65 -14.07
N ASN A 335 24.92 19.91 -14.38
CA ASN A 335 25.07 20.36 -15.76
C ASN A 335 26.54 20.45 -16.18
N ASN A 336 26.82 20.97 -17.37
CA ASN A 336 28.18 21.07 -17.91
C ASN A 336 29.23 21.73 -17.00
N SER A 337 28.76 22.57 -16.08
CA SER A 337 29.68 23.33 -15.26
C SER A 337 29.91 22.65 -13.88
N PHE A 338 29.38 21.44 -13.70
CA PHE A 338 29.53 20.72 -12.43
C PHE A 338 30.70 19.69 -12.43
N GLY A 339 31.60 19.78 -13.42
CA GLY A 339 32.78 18.89 -13.53
C GLY A 339 32.50 17.42 -13.25
N LYS A 340 33.13 16.89 -12.21
CA LYS A 340 32.91 15.52 -11.70
C LYS A 340 31.42 15.15 -11.50
N TYR A 341 30.58 16.15 -11.26
CA TYR A 341 29.17 15.90 -10.89
C TYR A 341 28.17 16.16 -12.00
N LYS A 342 28.67 16.54 -13.18
CA LYS A 342 27.84 16.62 -14.37
C LYS A 342 27.12 15.26 -14.61
N GLY A 343 25.80 15.33 -14.78
CA GLY A 343 25.00 14.16 -15.06
C GLY A 343 24.55 13.48 -13.78
N GLU A 344 24.94 14.01 -12.61
CA GLU A 344 24.45 13.46 -11.34
C GLU A 344 23.03 13.95 -11.15
N LEU A 345 22.11 12.99 -11.07
CA LEU A 345 20.71 13.28 -10.83
C LEU A 345 20.45 13.28 -9.32
N GLN A 346 19.69 14.27 -8.86
N GLN A 346 19.67 14.27 -8.86
CA GLN A 346 19.34 14.40 -7.46
CA GLN A 346 19.37 14.42 -7.44
C GLN A 346 17.86 14.68 -7.31
C GLN A 346 17.91 14.79 -7.25
N ILE A 347 17.31 14.29 -6.16
CA ILE A 347 15.99 14.73 -5.76
C ILE A 347 16.22 15.48 -4.46
N ILE A 348 15.75 16.73 -4.41
CA ILE A 348 16.02 17.59 -3.28
C ILE A 348 15.13 17.19 -2.09
N LEU A 349 15.72 17.14 -0.90
CA LEU A 349 15.01 16.82 0.33
C LEU A 349 14.82 18.03 1.23
N LYS A 350 15.76 18.98 1.18
CA LYS A 350 15.77 20.20 2.00
C LYS A 350 16.22 21.38 1.14
N GLU A 351 15.73 22.57 1.50
CA GLU A 351 16.03 23.78 0.74
C GLU A 351 17.54 24.10 0.72
N MET A 352 18.04 24.50 -0.45
CA MET A 352 19.42 24.98 -0.60
C MET A 352 19.40 26.19 -1.53
N PRO A 353 20.36 27.12 -1.36
CA PRO A 353 20.48 28.29 -2.26
C PRO A 353 20.67 27.86 -3.72
N ILE A 354 20.27 28.73 -4.64
CA ILE A 354 20.55 28.55 -6.07
C ILE A 354 21.98 28.03 -6.29
N ASP A 355 22.12 27.02 -7.15
CA ASP A 355 23.44 26.53 -7.55
C ASP A 355 23.42 26.45 -9.06
N GLU A 356 24.16 27.34 -9.71
N GLU A 356 24.21 27.30 -9.67
CA GLU A 356 24.12 27.43 -11.18
CA GLU A 356 24.23 27.49 -11.12
C GLU A 356 24.71 26.18 -11.85
C GLU A 356 24.79 26.25 -11.84
N ARG A 357 25.34 25.32 -11.06
CA ARG A 357 25.91 24.05 -11.57
C ARG A 357 24.89 22.91 -11.69
N LYS A 358 23.64 23.20 -11.34
CA LYS A 358 22.54 22.26 -11.46
C LYS A 358 21.44 22.82 -12.37
N ASN A 359 20.86 21.96 -13.19
CA ASN A 359 19.63 22.29 -13.93
C ASN A 359 18.41 21.68 -13.23
N ILE A 360 17.31 22.42 -13.11
CA ILE A 360 16.08 21.77 -12.60
C ILE A 360 15.38 21.02 -13.75
N VAL A 361 14.99 19.78 -13.49
CA VAL A 361 14.46 18.89 -14.53
C VAL A 361 12.96 18.70 -14.38
N GLY A 362 12.50 18.58 -13.12
CA GLY A 362 11.11 18.40 -12.82
C GLY A 362 10.84 18.42 -11.33
N THR A 363 9.63 18.03 -10.95
CA THR A 363 9.25 17.95 -9.55
C THR A 363 8.45 16.68 -9.30
N ILE A 364 8.71 16.05 -8.16
CA ILE A 364 7.87 14.95 -7.69
C ILE A 364 6.51 15.55 -7.31
N ALA A 365 5.44 14.85 -7.67
CA ALA A 365 4.08 15.27 -7.34
C ALA A 365 3.99 15.61 -5.86
N GLU A 366 3.32 16.72 -5.57
CA GLU A 366 3.25 17.29 -4.23
C GLU A 366 2.66 16.32 -3.19
N GLU A 367 1.64 15.56 -3.58
N GLU A 367 1.63 15.56 -3.61
CA GLU A 367 1.01 14.59 -2.69
CA GLU A 367 0.98 14.58 -2.73
C GLU A 367 1.95 13.43 -2.34
C GLU A 367 1.82 13.31 -2.51
N GLU A 368 3.00 13.25 -3.13
CA GLU A 368 3.94 12.13 -2.96
C GLU A 368 5.27 12.50 -2.29
N LEU A 369 5.43 13.74 -1.84
CA LEU A 369 6.72 14.17 -1.30
C LEU A 369 7.09 13.38 -0.04
N PHE A 370 6.10 13.03 0.78
CA PHE A 370 6.38 12.25 1.99
C PHE A 370 7.01 10.88 1.64
N LEU A 371 6.78 10.40 0.42
CA LEU A 371 7.31 9.12 -0.03
C LEU A 371 8.84 9.11 -0.14
N LEU A 372 9.44 10.28 -0.33
CA LEU A 372 10.89 10.46 -0.30
C LEU A 372 11.59 9.92 0.95
N ASP A 373 10.89 9.89 2.08
CA ASP A 373 11.42 9.36 3.33
C ASP A 373 11.66 7.85 3.28
N TYR A 374 11.03 7.17 2.33
CA TYR A 374 11.24 5.73 2.15
C TYR A 374 12.40 5.39 1.21
N VAL A 375 13.00 6.42 0.59
CA VAL A 375 14.25 6.23 -0.14
C VAL A 375 15.41 6.35 0.84
N GLY A 376 15.75 5.24 1.48
CA GLY A 376 16.89 5.23 2.39
C GLY A 376 18.20 4.87 1.71
N ALA A 377 19.20 4.63 2.54
CA ALA A 377 20.50 4.17 2.10
C ALA A 377 20.38 2.92 1.23
N TRP A 378 20.79 3.02 -0.03
CA TRP A 378 20.83 1.88 -0.99
C TRP A 378 19.49 1.46 -1.62
N THR A 379 18.44 2.23 -1.35
CA THR A 379 17.11 1.98 -1.88
C THR A 379 17.07 2.22 -3.40
N GLN A 380 16.52 1.25 -4.11
CA GLN A 380 16.19 1.43 -5.52
C GLN A 380 14.83 2.09 -5.61
N PHE A 381 14.68 2.99 -6.59
CA PHE A 381 13.39 3.58 -6.91
C PHE A 381 13.40 3.95 -8.38
N THR A 382 12.22 4.13 -8.98
CA THR A 382 12.13 4.76 -10.28
C THR A 382 11.37 6.09 -10.19
N CYS A 383 11.44 6.84 -11.28
CA CYS A 383 10.62 8.02 -11.47
C CYS A 383 9.75 7.70 -12.64
N VAL A 384 8.46 7.97 -12.50
CA VAL A 384 7.50 7.74 -13.56
C VAL A 384 6.67 8.98 -13.84
N GLU A 385 6.15 9.10 -15.06
CA GLU A 385 5.22 10.16 -15.41
C GLU A 385 3.76 9.76 -15.09
#